data_1H7H
#
_entry.id   1H7H
#
_cell.length_a   46.170
_cell.length_b   133.680
_cell.length_c   48.490
_cell.angle_alpha   90.00
_cell.angle_beta   102.45
_cell.angle_gamma   90.00
#
_symmetry.space_group_name_H-M   'P 1 21 1'
#
loop_
_entity.id
_entity.type
_entity.pdbx_description
1 polymer '3-DEOXY-MANNO-OCTULOSONATE CYTIDYLYLTRANSFERASE'
2 non-polymer "CYTIDINE-5'-DIPHOSPHATE"
3 water water
#
_entity_poly.entity_id   1
_entity_poly.type   'polypeptide(L)'
_entity_poly.pdbx_seq_one_letter_code
;SKAVIVIPARYGSSRLPGKPLLDIVGKPMIQHVYERALQVAGVAEVWVATDDPRVEQAVQAFGGKAIMTRNDHESGTDRL
VEVMHKVEADIYINLQGDEPMIRPRDVETLLQGMRDDPALPVATLCHAISAAEAAEPSTVKVVVNTRQDALYFSRSPIPY
PRNAEKARYLKHVGIYAYRRDVLQNYSQLPESMPEQAESLEQLRLMNAGINIRTFEVAATGPGVDTPACLEKVRALMAQE
LAENA
;
_entity_poly.pdbx_strand_id   A,B
#
loop_
_chem_comp.id
_chem_comp.type
_chem_comp.name
_chem_comp.formula
CDP non-polymer CYTIDINE-5'-DIPHOSPHATE 'C9 H15 N3 O11 P2'
#
# COMPACT_ATOMS: atom_id res chain seq x y z
N SER A 1 -3.71 -31.86 -0.88
CA SER A 1 -4.04 -30.48 -1.32
C SER A 1 -4.38 -30.47 -2.81
N LYS A 2 -5.67 -30.45 -3.10
CA LYS A 2 -6.16 -30.45 -4.48
C LYS A 2 -6.25 -29.03 -5.05
N ALA A 3 -5.74 -28.86 -6.26
CA ALA A 3 -5.76 -27.57 -6.93
C ALA A 3 -6.36 -27.71 -8.31
N VAL A 4 -7.22 -26.76 -8.67
CA VAL A 4 -7.83 -26.75 -9.99
C VAL A 4 -7.66 -25.39 -10.64
N ILE A 5 -7.67 -25.36 -11.96
CA ILE A 5 -7.54 -24.11 -12.70
C ILE A 5 -8.88 -23.78 -13.34
N VAL A 6 -9.33 -22.54 -13.15
CA VAL A 6 -10.58 -22.07 -13.71
C VAL A 6 -10.23 -20.90 -14.65
N ILE A 7 -10.73 -20.97 -15.87
CA ILE A 7 -10.47 -19.96 -16.88
C ILE A 7 -11.78 -19.26 -17.24
N PRO A 8 -12.03 -18.07 -16.67
CA PRO A 8 -13.26 -17.33 -16.97
C PRO A 8 -13.18 -16.84 -18.41
N ALA A 9 -14.19 -17.15 -19.21
CA ALA A 9 -14.19 -16.76 -20.61
C ALA A 9 -15.53 -16.22 -21.09
N ARG A 10 -15.67 -14.91 -20.91
CA ARG A 10 -16.87 -14.17 -21.31
C ARG A 10 -16.74 -13.86 -22.79
N TYR A 11 -17.82 -14.07 -23.55
CA TYR A 11 -17.83 -13.80 -24.98
C TYR A 11 -17.90 -12.29 -25.24
N GLY A 12 -18.95 -11.67 -24.69
CA GLY A 12 -19.17 -10.24 -24.86
C GLY A 12 -17.98 -9.34 -24.54
N SER A 13 -17.49 -8.67 -25.56
CA SER A 13 -16.36 -7.75 -25.43
C SER A 13 -16.55 -6.62 -26.44
N SER A 14 -16.36 -5.39 -25.98
CA SER A 14 -16.53 -4.19 -26.80
C SER A 14 -15.66 -4.09 -28.05
N ARG A 15 -14.36 -3.88 -27.86
CA ARG A 15 -13.42 -3.76 -28.99
C ARG A 15 -12.94 -5.09 -29.57
N LEU A 16 -13.55 -6.20 -29.11
CA LEU A 16 -13.22 -7.54 -29.58
C LEU A 16 -14.34 -8.53 -29.26
N PRO A 17 -15.47 -8.45 -30.00
CA PRO A 17 -16.61 -9.35 -29.78
C PRO A 17 -16.21 -10.81 -30.00
N GLY A 18 -16.47 -11.65 -29.01
CA GLY A 18 -16.11 -13.05 -29.11
C GLY A 18 -14.61 -13.18 -29.10
N LYS A 19 -14.00 -12.55 -28.10
CA LYS A 19 -12.55 -12.55 -27.93
C LYS A 19 -11.92 -13.93 -27.75
N PRO A 20 -12.51 -14.79 -26.91
CA PRO A 20 -11.93 -16.13 -26.71
C PRO A 20 -11.97 -17.05 -27.93
N LEU A 21 -12.77 -16.67 -28.92
CA LEU A 21 -12.90 -17.48 -30.13
C LEU A 21 -12.02 -17.05 -31.31
N LEU A 22 -11.28 -15.95 -31.12
CA LEU A 22 -10.39 -15.44 -32.15
C LEU A 22 -9.33 -16.47 -32.50
N ASP A 23 -9.06 -16.63 -33.79
CA ASP A 23 -8.09 -17.60 -34.26
C ASP A 23 -6.64 -17.15 -34.12
N ILE A 24 -5.81 -18.06 -33.60
CA ILE A 24 -4.38 -17.81 -33.45
C ILE A 24 -3.74 -19.12 -33.89
N VAL A 25 -3.02 -19.06 -35.01
CA VAL A 25 -2.37 -20.23 -35.60
C VAL A 25 -3.25 -21.48 -35.69
N GLY A 26 -4.48 -21.28 -36.16
CA GLY A 26 -5.41 -22.38 -36.34
C GLY A 26 -6.29 -22.85 -35.18
N LYS A 27 -6.12 -22.26 -34.00
CA LYS A 27 -6.91 -22.62 -32.83
C LYS A 27 -7.54 -21.40 -32.17
N PRO A 28 -8.76 -21.54 -31.62
CA PRO A 28 -9.36 -20.38 -30.97
C PRO A 28 -8.52 -20.04 -29.74
N MET A 29 -8.48 -18.76 -29.39
CA MET A 29 -7.68 -18.29 -28.26
C MET A 29 -7.89 -19.09 -26.96
N ILE A 30 -9.15 -19.39 -26.65
CA ILE A 30 -9.48 -20.14 -25.44
C ILE A 30 -8.79 -21.51 -25.40
N GLN A 31 -8.59 -22.12 -26.58
CA GLN A 31 -7.91 -23.41 -26.65
C GLN A 31 -6.44 -23.32 -26.25
N HIS A 32 -5.77 -22.26 -26.70
CA HIS A 32 -4.35 -22.04 -26.38
C HIS A 32 -4.14 -21.92 -24.87
N VAL A 33 -5.05 -21.21 -24.21
CA VAL A 33 -4.96 -21.05 -22.76
C VAL A 33 -5.19 -22.40 -22.08
N TYR A 34 -6.22 -23.13 -22.55
CA TYR A 34 -6.58 -24.44 -21.99
C TYR A 34 -5.43 -25.43 -22.14
N GLU A 35 -4.84 -25.49 -23.33
CA GLU A 35 -3.72 -26.40 -23.57
C GLU A 35 -2.53 -26.10 -22.68
N ARG A 36 -2.26 -24.82 -22.45
CA ARG A 36 -1.15 -24.43 -21.58
C ARG A 36 -1.47 -24.74 -20.11
N ALA A 37 -2.72 -24.52 -19.71
CA ALA A 37 -3.15 -24.80 -18.35
C ALA A 37 -2.94 -26.28 -18.05
N LEU A 38 -3.18 -27.13 -19.05
CA LEU A 38 -3.00 -28.58 -18.90
C LEU A 38 -1.57 -28.99 -18.63
N GLN A 39 -0.62 -28.15 -19.03
CA GLN A 39 0.81 -28.44 -18.85
C GLN A 39 1.30 -28.09 -17.46
N VAL A 40 0.42 -27.56 -16.63
CA VAL A 40 0.79 -27.17 -15.26
C VAL A 40 0.76 -28.37 -14.34
N ALA A 41 1.92 -28.71 -13.78
CA ALA A 41 2.04 -29.84 -12.86
C ALA A 41 1.32 -29.56 -11.54
N GLY A 42 0.79 -30.62 -10.94
CA GLY A 42 0.10 -30.48 -9.67
C GLY A 42 -1.34 -30.05 -9.69
N VAL A 43 -1.90 -29.88 -10.89
CA VAL A 43 -3.29 -29.48 -11.06
C VAL A 43 -4.13 -30.69 -11.43
N ALA A 44 -5.26 -30.86 -10.73
CA ALA A 44 -6.17 -31.98 -10.94
C ALA A 44 -7.09 -31.80 -12.13
N GLU A 45 -7.73 -30.64 -12.22
CA GLU A 45 -8.66 -30.35 -13.31
C GLU A 45 -8.55 -28.93 -13.81
N VAL A 46 -8.93 -28.74 -15.06
CA VAL A 46 -8.93 -27.43 -15.70
C VAL A 46 -10.34 -27.21 -16.23
N TRP A 47 -10.94 -26.09 -15.84
CA TRP A 47 -12.30 -25.76 -16.26
C TRP A 47 -12.37 -24.39 -16.91
N VAL A 48 -13.40 -24.20 -17.73
CA VAL A 48 -13.65 -22.94 -18.40
C VAL A 48 -15.01 -22.49 -17.91
N ALA A 49 -15.06 -21.32 -17.26
CA ALA A 49 -16.31 -20.77 -16.75
C ALA A 49 -16.81 -19.76 -17.77
N THR A 50 -18.04 -19.94 -18.26
CA THR A 50 -18.58 -19.02 -19.25
C THR A 50 -20.07 -18.72 -19.07
N ASP A 51 -20.52 -17.67 -19.72
CA ASP A 51 -21.92 -17.25 -19.67
C ASP A 51 -22.58 -17.34 -21.05
N ASP A 52 -21.79 -17.69 -22.05
CA ASP A 52 -22.28 -17.79 -23.42
C ASP A 52 -22.12 -19.20 -23.99
N PRO A 53 -23.22 -19.78 -24.53
CA PRO A 53 -23.23 -21.13 -25.11
C PRO A 53 -22.30 -21.34 -26.31
N ARG A 54 -21.97 -20.27 -27.02
CA ARG A 54 -21.07 -20.35 -28.16
C ARG A 54 -19.66 -20.66 -27.69
N VAL A 55 -19.32 -20.18 -26.49
CA VAL A 55 -18.01 -20.42 -25.90
C VAL A 55 -18.01 -21.83 -25.31
N GLU A 56 -19.14 -22.22 -24.71
CA GLU A 56 -19.27 -23.54 -24.12
C GLU A 56 -19.17 -24.60 -25.22
N GLN A 57 -19.74 -24.30 -26.38
CA GLN A 57 -19.70 -25.23 -27.51
C GLN A 57 -18.30 -25.34 -28.10
N ALA A 58 -17.62 -24.20 -28.22
CA ALA A 58 -16.26 -24.17 -28.76
C ALA A 58 -15.31 -24.95 -27.86
N VAL A 59 -15.52 -24.85 -26.55
CA VAL A 59 -14.70 -25.53 -25.57
C VAL A 59 -14.90 -27.04 -25.61
N GLN A 60 -16.17 -27.47 -25.64
CA GLN A 60 -16.51 -28.88 -25.70
C GLN A 60 -16.03 -29.49 -27.02
N ALA A 61 -16.07 -28.69 -28.09
CA ALA A 61 -15.62 -29.14 -29.41
C ALA A 61 -14.18 -29.64 -29.40
N PHE A 62 -13.32 -29.08 -28.55
CA PHE A 62 -11.95 -29.58 -28.48
C PHE A 62 -11.78 -30.51 -27.29
N GLY A 63 -12.91 -30.84 -26.66
CA GLY A 63 -12.92 -31.76 -25.53
C GLY A 63 -12.61 -31.20 -24.16
N GLY A 64 -12.68 -29.88 -24.01
CA GLY A 64 -12.40 -29.27 -22.72
C GLY A 64 -13.62 -29.23 -21.81
N LYS A 65 -13.40 -29.06 -20.51
CA LYS A 65 -14.50 -28.99 -19.55
C LYS A 65 -15.01 -27.56 -19.42
N ALA A 66 -16.31 -27.39 -19.63
CA ALA A 66 -16.94 -26.08 -19.54
C ALA A 66 -18.11 -26.08 -18.53
N ILE A 67 -18.30 -24.96 -17.84
CA ILE A 67 -19.37 -24.82 -16.87
C ILE A 67 -20.07 -23.48 -17.06
N MET A 68 -21.38 -23.52 -17.30
CA MET A 68 -22.16 -22.32 -17.48
C MET A 68 -22.38 -21.60 -16.15
N THR A 69 -22.19 -20.30 -16.17
CA THR A 69 -22.36 -19.47 -14.99
C THR A 69 -23.33 -18.34 -15.35
N ARG A 70 -23.77 -17.59 -14.34
CA ARG A 70 -24.69 -16.49 -14.56
C ARG A 70 -24.03 -15.36 -15.34
N ASN A 71 -24.82 -14.67 -16.17
CA ASN A 71 -24.33 -13.55 -16.97
C ASN A 71 -24.36 -12.23 -16.19
N ASP A 72 -25.08 -12.24 -15.07
CA ASP A 72 -25.20 -11.07 -14.19
C ASP A 72 -23.98 -10.85 -13.31
N HIS A 73 -22.93 -11.64 -13.53
CA HIS A 73 -21.68 -11.53 -12.78
C HIS A 73 -20.95 -10.26 -13.19
N GLU A 74 -20.57 -9.46 -12.19
CA GLU A 74 -19.87 -8.21 -12.46
C GLU A 74 -18.37 -8.36 -12.70
N SER A 75 -17.80 -9.50 -12.30
CA SER A 75 -16.36 -9.74 -12.47
C SER A 75 -15.96 -11.20 -12.56
N GLY A 76 -14.70 -11.43 -12.88
CA GLY A 76 -14.18 -12.78 -12.98
C GLY A 76 -14.06 -13.48 -11.64
N THR A 77 -14.05 -12.72 -10.55
CA THR A 77 -13.94 -13.30 -9.22
C THR A 77 -15.30 -13.77 -8.72
N ASP A 78 -16.35 -13.06 -9.07
CA ASP A 78 -17.70 -13.45 -8.67
C ASP A 78 -18.05 -14.75 -9.38
N ARG A 79 -17.62 -14.85 -10.65
CA ARG A 79 -17.85 -16.03 -11.48
C ARG A 79 -17.13 -17.25 -10.90
N LEU A 80 -15.95 -17.02 -10.32
CA LEU A 80 -15.17 -18.10 -9.71
C LEU A 80 -15.84 -18.62 -8.42
N VAL A 81 -16.49 -17.73 -7.67
CA VAL A 81 -17.18 -18.10 -6.43
C VAL A 81 -18.32 -19.10 -6.74
N GLU A 82 -19.00 -18.89 -7.86
CA GLU A 82 -20.10 -19.76 -8.27
C GLU A 82 -19.55 -21.14 -8.67
N VAL A 83 -18.42 -21.16 -9.36
CA VAL A 83 -17.79 -22.40 -9.79
C VAL A 83 -17.30 -23.18 -8.57
N MET A 84 -16.82 -22.45 -7.56
CA MET A 84 -16.31 -23.03 -6.31
C MET A 84 -17.32 -23.94 -5.60
N HIS A 85 -18.61 -23.59 -5.64
CA HIS A 85 -19.64 -24.39 -4.99
C HIS A 85 -19.85 -25.75 -5.66
N LYS A 86 -19.69 -25.77 -6.97
CA LYS A 86 -19.86 -27.00 -7.76
C LYS A 86 -18.57 -27.81 -7.91
N VAL A 87 -17.45 -27.14 -8.15
CA VAL A 87 -16.16 -27.81 -8.30
C VAL A 87 -15.35 -27.71 -7.01
N GLU A 88 -15.11 -28.87 -6.39
CA GLU A 88 -14.36 -28.92 -5.15
C GLU A 88 -12.84 -28.93 -5.32
N ALA A 89 -12.18 -28.11 -4.50
CA ALA A 89 -10.72 -27.99 -4.49
C ALA A 89 -10.30 -27.21 -3.24
N ASP A 90 -9.03 -27.29 -2.90
CA ASP A 90 -8.50 -26.56 -1.74
C ASP A 90 -7.92 -25.24 -2.23
N ILE A 91 -7.39 -25.26 -3.46
CA ILE A 91 -6.76 -24.10 -4.10
C ILE A 91 -7.33 -23.86 -5.51
N TYR A 92 -7.86 -22.67 -5.75
CA TYR A 92 -8.40 -22.32 -7.06
C TYR A 92 -7.49 -21.30 -7.74
N ILE A 93 -7.10 -21.58 -8.97
CA ILE A 93 -6.25 -20.67 -9.72
C ILE A 93 -7.08 -20.02 -10.81
N ASN A 94 -7.07 -18.69 -10.84
CA ASN A 94 -7.82 -17.94 -11.83
C ASN A 94 -6.92 -17.48 -12.96
N LEU A 95 -7.14 -18.02 -14.15
CA LEU A 95 -6.36 -17.66 -15.33
C LEU A 95 -7.21 -16.84 -16.28
N GLN A 96 -6.59 -15.85 -16.92
CA GLN A 96 -7.29 -15.00 -17.87
C GLN A 96 -7.52 -15.74 -19.19
N GLY A 97 -8.73 -15.64 -19.71
CA GLY A 97 -9.03 -16.31 -20.96
C GLY A 97 -8.45 -15.63 -22.18
N ASP A 98 -7.96 -14.41 -22.01
CA ASP A 98 -7.40 -13.63 -23.11
C ASP A 98 -5.87 -13.48 -23.14
N GLU A 99 -5.17 -14.28 -22.34
CA GLU A 99 -3.70 -14.25 -22.31
C GLU A 99 -3.17 -15.61 -22.73
N PRO A 100 -3.16 -15.88 -24.05
CA PRO A 100 -2.69 -17.14 -24.65
C PRO A 100 -1.20 -17.44 -24.52
N MET A 101 -0.40 -16.44 -24.15
CA MET A 101 1.04 -16.65 -24.06
C MET A 101 1.58 -16.95 -22.66
N ILE A 102 0.65 -17.33 -21.77
CA ILE A 102 0.96 -17.67 -20.40
C ILE A 102 1.99 -18.79 -20.34
N ARG A 103 2.95 -18.69 -19.42
CA ARG A 103 3.98 -19.71 -19.25
C ARG A 103 3.57 -20.64 -18.11
N PRO A 104 3.42 -21.94 -18.41
CA PRO A 104 3.03 -22.94 -17.41
C PRO A 104 3.91 -22.90 -16.16
N ARG A 105 5.19 -22.56 -16.35
CA ARG A 105 6.15 -22.50 -15.24
C ARG A 105 5.77 -21.42 -14.23
N ASP A 106 5.24 -20.29 -14.72
CA ASP A 106 4.85 -19.19 -13.84
C ASP A 106 3.69 -19.58 -12.94
N VAL A 107 2.75 -20.36 -13.47
CA VAL A 107 1.60 -20.82 -12.70
C VAL A 107 2.08 -21.80 -11.63
N GLU A 108 3.10 -22.59 -11.96
CA GLU A 108 3.67 -23.54 -11.01
C GLU A 108 4.34 -22.83 -9.85
N THR A 109 4.96 -21.69 -10.13
CA THR A 109 5.63 -20.87 -9.12
C THR A 109 4.58 -20.41 -8.12
N LEU A 110 3.45 -19.98 -8.65
CA LEU A 110 2.31 -19.50 -7.88
C LEU A 110 1.75 -20.60 -6.99
N LEU A 111 1.60 -21.79 -7.57
CA LEU A 111 1.06 -22.95 -6.85
C LEU A 111 2.00 -23.43 -5.76
N GLN A 112 3.30 -23.41 -6.04
CA GLN A 112 4.31 -23.84 -5.07
C GLN A 112 4.31 -22.87 -3.88
N GLY A 113 4.09 -21.59 -4.17
CA GLY A 113 4.06 -20.59 -3.12
C GLY A 113 2.92 -20.87 -2.15
N MET A 114 1.76 -21.22 -2.70
CA MET A 114 0.58 -21.54 -1.90
C MET A 114 0.79 -22.78 -1.04
N ARG A 115 1.40 -23.80 -1.62
CA ARG A 115 1.66 -25.05 -0.90
C ARG A 115 2.76 -24.92 0.15
N ASP A 116 3.71 -24.02 -0.08
CA ASP A 116 4.81 -23.82 0.87
C ASP A 116 4.39 -23.02 2.10
N ASP A 117 3.22 -22.40 2.05
CA ASP A 117 2.72 -21.61 3.17
C ASP A 117 1.21 -21.79 3.27
N PRO A 118 0.75 -22.74 4.11
CA PRO A 118 -0.65 -23.07 4.35
C PRO A 118 -1.50 -21.92 4.89
N ALA A 119 -0.84 -20.93 5.49
CA ALA A 119 -1.55 -19.78 6.05
C ALA A 119 -1.84 -18.68 5.02
N LEU A 120 -1.22 -18.78 3.84
CA LEU A 120 -1.39 -17.80 2.77
C LEU A 120 -2.76 -17.92 2.10
N PRO A 121 -3.58 -16.85 2.17
CA PRO A 121 -4.92 -16.82 1.59
C PRO A 121 -4.95 -16.63 0.07
N VAL A 122 -4.18 -15.66 -0.41
CA VAL A 122 -4.13 -15.32 -1.84
C VAL A 122 -2.72 -15.06 -2.31
N ALA A 123 -2.43 -15.44 -3.55
CA ALA A 123 -1.12 -15.24 -4.16
C ALA A 123 -1.32 -14.74 -5.59
N THR A 124 -0.41 -13.88 -6.05
CA THR A 124 -0.51 -13.33 -7.40
C THR A 124 0.88 -13.13 -8.00
N LEU A 125 0.94 -12.62 -9.23
CA LEU A 125 2.21 -12.43 -9.91
C LEU A 125 2.55 -11.00 -10.29
N CYS A 126 3.84 -10.74 -10.50
CA CYS A 126 4.33 -9.43 -10.90
C CYS A 126 5.69 -9.54 -11.59
N HIS A 127 6.05 -8.51 -12.36
CA HIS A 127 7.35 -8.48 -13.03
C HIS A 127 7.85 -7.04 -13.14
N ALA A 128 9.17 -6.89 -13.19
CA ALA A 128 9.79 -5.57 -13.27
C ALA A 128 9.47 -4.81 -14.55
N ILE A 129 9.20 -3.52 -14.41
CA ILE A 129 8.94 -2.65 -15.57
C ILE A 129 9.73 -1.36 -15.41
N SER A 130 9.91 -0.63 -16.51
CA SER A 130 10.65 0.62 -16.48
C SER A 130 9.75 1.74 -15.96
N ALA A 131 10.34 2.88 -15.66
CA ALA A 131 9.59 4.02 -15.16
C ALA A 131 8.60 4.53 -16.20
N ALA A 132 8.99 4.49 -17.47
CA ALA A 132 8.14 4.95 -18.55
C ALA A 132 6.86 4.13 -18.68
N GLU A 133 6.97 2.81 -18.54
CA GLU A 133 5.79 1.93 -18.61
C GLU A 133 4.89 2.15 -17.39
N ALA A 134 5.51 2.37 -16.23
CA ALA A 134 4.79 2.59 -14.98
C ALA A 134 3.92 3.85 -15.00
N ALA A 135 4.22 4.79 -15.88
CA ALA A 135 3.44 6.03 -15.97
C ALA A 135 2.02 5.81 -16.50
N GLU A 136 1.81 4.71 -17.21
CA GLU A 136 0.49 4.39 -17.78
C GLU A 136 -0.53 3.89 -16.77
N PRO A 137 -1.68 4.58 -16.67
CA PRO A 137 -2.76 4.22 -15.74
C PRO A 137 -3.40 2.86 -16.06
N SER A 138 -3.22 2.41 -17.29
CA SER A 138 -3.74 1.10 -17.72
C SER A 138 -2.91 -0.04 -17.12
N THR A 139 -1.69 0.27 -16.70
CA THR A 139 -0.80 -0.70 -16.07
C THR A 139 -0.96 -0.58 -14.56
N VAL A 140 -1.15 -1.71 -13.89
CA VAL A 140 -1.32 -1.72 -12.44
C VAL A 140 0.01 -1.96 -11.74
N LYS A 141 0.39 -1.04 -10.86
CA LYS A 141 1.63 -1.14 -10.11
C LYS A 141 1.37 -1.75 -8.75
N VAL A 142 2.40 -2.34 -8.16
CA VAL A 142 2.30 -2.95 -6.84
C VAL A 142 3.61 -2.73 -6.10
N VAL A 143 3.51 -2.51 -4.79
CA VAL A 143 4.67 -2.31 -3.92
C VAL A 143 4.56 -3.40 -2.85
N VAL A 144 5.67 -4.09 -2.58
CA VAL A 144 5.70 -5.20 -1.63
C VAL A 144 6.67 -4.99 -0.46
N ASN A 145 6.51 -5.76 0.62
CA ASN A 145 7.40 -5.67 1.78
C ASN A 145 8.48 -6.77 1.67
N THR A 146 9.28 -6.99 2.72
CA THR A 146 10.33 -8.02 2.65
C THR A 146 9.85 -9.46 2.42
N ARG A 147 8.65 -9.76 2.91
CA ARG A 147 8.08 -11.09 2.73
C ARG A 147 7.37 -11.20 1.39
N GLN A 148 7.47 -10.15 0.59
CA GLN A 148 6.84 -10.09 -0.72
C GLN A 148 5.32 -9.94 -0.66
N ASP A 149 4.82 -9.50 0.49
CA ASP A 149 3.39 -9.27 0.64
C ASP A 149 3.11 -7.90 0.03
N ALA A 150 2.00 -7.79 -0.66
CA ALA A 150 1.64 -6.52 -1.28
C ALA A 150 1.22 -5.49 -0.23
N LEU A 151 1.71 -4.26 -0.38
CA LEU A 151 1.36 -3.16 0.51
C LEU A 151 0.17 -2.46 -0.13
N TYR A 152 0.22 -2.29 -1.44
CA TYR A 152 -0.86 -1.62 -2.13
C TYR A 152 -0.73 -1.79 -3.65
N PHE A 153 -1.85 -1.73 -4.35
CA PHE A 153 -1.90 -1.84 -5.82
C PHE A 153 -2.46 -0.52 -6.32
N SER A 154 -1.91 0.04 -7.40
CA SER A 154 -2.43 1.32 -7.89
C SER A 154 -2.12 1.61 -9.35
N ARG A 155 -2.95 2.46 -9.94
CA ARG A 155 -2.76 2.90 -11.33
C ARG A 155 -1.80 4.09 -11.30
N SER A 156 -1.64 4.68 -10.12
CA SER A 156 -0.71 5.80 -9.93
C SER A 156 0.69 5.20 -9.85
N PRO A 157 1.70 5.95 -10.33
CA PRO A 157 3.05 5.39 -10.25
C PRO A 157 3.48 5.32 -8.80
N ILE A 158 3.63 4.09 -8.28
CA ILE A 158 4.12 3.91 -6.91
C ILE A 158 5.28 2.91 -6.98
N PRO A 159 6.37 3.18 -6.25
CA PRO A 159 6.56 4.33 -5.38
C PRO A 159 6.75 5.63 -6.16
N TYR A 160 6.45 6.76 -5.52
CA TYR A 160 6.61 8.07 -6.16
C TYR A 160 8.10 8.28 -6.40
N PRO A 161 8.46 8.77 -7.59
CA PRO A 161 9.88 9.00 -7.92
C PRO A 161 10.48 10.32 -7.39
N ARG A 162 10.56 10.45 -6.07
CA ARG A 162 11.16 11.64 -5.46
C ARG A 162 12.66 11.59 -5.80
N ASN A 163 13.28 10.44 -5.50
CA ASN A 163 14.68 10.19 -5.82
C ASN A 163 14.55 9.16 -6.93
N ALA A 164 14.23 9.64 -8.13
CA ALA A 164 14.01 8.81 -9.31
C ALA A 164 14.94 7.63 -9.56
N GLU A 165 16.24 7.81 -9.38
CA GLU A 165 17.21 6.74 -9.63
C GLU A 165 17.10 5.55 -8.68
N LYS A 166 16.43 5.75 -7.54
CA LYS A 166 16.26 4.69 -6.53
C LYS A 166 14.98 3.89 -6.71
N ALA A 167 14.06 4.40 -7.53
CA ALA A 167 12.78 3.74 -7.77
C ALA A 167 12.86 2.50 -8.68
N ARG A 168 12.14 1.45 -8.27
CA ARG A 168 12.06 0.21 -9.03
C ARG A 168 10.58 -0.14 -9.08
N TYR A 169 10.07 -0.32 -10.30
CA TYR A 169 8.66 -0.62 -10.50
C TYR A 169 8.31 -2.07 -10.80
N LEU A 170 7.17 -2.51 -10.25
CA LEU A 170 6.66 -3.86 -10.44
C LEU A 170 5.27 -3.76 -11.03
N LYS A 171 5.05 -4.50 -12.10
CA LYS A 171 3.75 -4.53 -12.75
C LYS A 171 3.02 -5.77 -12.27
N HIS A 172 1.74 -5.59 -11.93
CA HIS A 172 0.91 -6.68 -11.45
C HIS A 172 0.40 -7.54 -12.62
N VAL A 173 0.61 -8.85 -12.53
CA VAL A 173 0.13 -9.80 -13.56
C VAL A 173 -1.13 -10.46 -12.99
N GLY A 174 -2.26 -10.16 -13.61
CA GLY A 174 -3.57 -10.64 -13.17
C GLY A 174 -3.93 -12.11 -13.05
N ILE A 175 -3.02 -12.90 -12.49
CA ILE A 175 -3.26 -14.32 -12.27
C ILE A 175 -3.32 -14.50 -10.76
N TYR A 176 -4.35 -15.17 -10.26
CA TYR A 176 -4.53 -15.36 -8.82
C TYR A 176 -4.73 -16.80 -8.37
N ALA A 177 -4.34 -17.07 -7.13
CA ALA A 177 -4.51 -18.38 -6.50
C ALA A 177 -5.23 -18.07 -5.19
N TYR A 178 -6.42 -18.67 -5.02
CA TYR A 178 -7.20 -18.44 -3.80
C TYR A 178 -7.41 -19.73 -3.01
N ARG A 179 -7.31 -19.61 -1.69
CA ARG A 179 -7.59 -20.73 -0.80
C ARG A 179 -9.12 -20.85 -0.85
N ARG A 180 -9.65 -22.06 -0.64
CA ARG A 180 -11.09 -22.28 -0.67
C ARG A 180 -11.88 -21.34 0.27
N ASP A 181 -11.43 -21.21 1.51
CA ASP A 181 -12.13 -20.35 2.48
C ASP A 181 -12.25 -18.87 2.09
N VAL A 182 -11.29 -18.35 1.33
CA VAL A 182 -11.36 -16.96 0.89
C VAL A 182 -12.56 -16.77 -0.03
N LEU A 183 -12.75 -17.71 -0.95
CA LEU A 183 -13.87 -17.66 -1.89
C LEU A 183 -15.22 -17.87 -1.21
N GLN A 184 -15.25 -18.65 -0.14
CA GLN A 184 -16.49 -18.91 0.59
C GLN A 184 -16.98 -17.67 1.31
N ASN A 185 -16.05 -16.87 1.80
CA ASN A 185 -16.39 -15.64 2.53
C ASN A 185 -16.39 -14.40 1.64
N TYR A 186 -16.04 -14.55 0.37
CA TYR A 186 -15.94 -13.42 -0.54
C TYR A 186 -17.16 -12.54 -0.76
N SER A 187 -18.31 -13.16 -1.05
CA SER A 187 -19.53 -12.40 -1.31
C SER A 187 -20.01 -11.53 -0.14
N GLN A 188 -19.52 -11.80 1.06
CA GLN A 188 -19.89 -11.03 2.25
C GLN A 188 -19.05 -9.75 2.41
N LEU A 189 -17.96 -9.65 1.67
CA LEU A 189 -17.06 -8.48 1.73
C LEU A 189 -17.68 -7.26 1.05
N PRO A 190 -17.66 -6.12 1.73
CA PRO A 190 -18.23 -4.91 1.11
C PRO A 190 -17.20 -4.28 0.17
N GLU A 191 -17.68 -3.47 -0.77
CA GLU A 191 -16.78 -2.79 -1.70
C GLU A 191 -16.07 -1.68 -0.91
N SER A 192 -14.80 -1.46 -1.22
CA SER A 192 -14.04 -0.42 -0.53
C SER A 192 -13.95 0.84 -1.38
N MET A 193 -13.68 1.96 -0.72
CA MET A 193 -13.54 3.24 -1.38
C MET A 193 -12.35 3.20 -2.38
N PRO A 194 -11.18 2.68 -1.95
CA PRO A 194 -10.04 2.62 -2.87
C PRO A 194 -10.37 1.75 -4.10
N GLU A 195 -11.08 0.66 -3.87
CA GLU A 195 -11.48 -0.25 -4.95
C GLU A 195 -12.33 0.49 -5.98
N GLN A 196 -13.35 1.19 -5.50
CA GLN A 196 -14.26 1.94 -6.38
C GLN A 196 -13.58 3.11 -7.07
N ALA A 197 -12.63 3.74 -6.37
CA ALA A 197 -11.91 4.88 -6.94
C ALA A 197 -10.95 4.42 -8.05
N GLU A 198 -10.14 3.41 -7.74
CA GLU A 198 -9.14 2.87 -8.67
C GLU A 198 -9.71 1.90 -9.71
N SER A 199 -10.84 1.27 -9.36
CA SER A 199 -11.49 0.29 -10.21
C SER A 199 -10.59 -0.96 -10.30
N LEU A 200 -10.11 -1.39 -9.14
CA LEU A 200 -9.24 -2.57 -9.00
C LEU A 200 -9.91 -3.47 -7.97
N GLU A 201 -10.49 -4.56 -8.43
CA GLU A 201 -11.19 -5.49 -7.55
C GLU A 201 -10.36 -6.10 -6.43
N GLN A 202 -9.06 -6.29 -6.67
CA GLN A 202 -8.19 -6.88 -5.65
C GLN A 202 -8.06 -6.05 -4.36
N LEU A 203 -8.43 -4.76 -4.44
CA LEU A 203 -8.36 -3.90 -3.25
C LEU A 203 -9.48 -4.23 -2.27
N ARG A 204 -10.47 -5.01 -2.73
CA ARG A 204 -11.57 -5.41 -1.85
C ARG A 204 -11.01 -6.36 -0.78
N LEU A 205 -10.05 -7.19 -1.19
CA LEU A 205 -9.42 -8.15 -0.29
C LEU A 205 -8.52 -7.42 0.70
N MET A 206 -7.74 -6.47 0.19
CA MET A 206 -6.84 -5.71 1.04
C MET A 206 -7.59 -4.89 2.08
N ASN A 207 -8.78 -4.41 1.73
CA ASN A 207 -9.60 -3.63 2.64
C ASN A 207 -10.00 -4.48 3.84
N ALA A 208 -10.26 -5.75 3.58
CA ALA A 208 -10.68 -6.70 4.62
C ALA A 208 -9.51 -7.29 5.41
N GLY A 209 -8.29 -6.86 5.10
CA GLY A 209 -7.14 -7.37 5.81
C GLY A 209 -6.65 -8.73 5.35
N ILE A 210 -7.08 -9.15 4.17
CA ILE A 210 -6.67 -10.42 3.62
C ILE A 210 -5.34 -10.21 2.91
N ASN A 211 -4.32 -10.94 3.36
CA ASN A 211 -2.98 -10.83 2.80
C ASN A 211 -2.86 -11.42 1.39
N ILE A 212 -2.12 -10.73 0.54
CA ILE A 212 -1.90 -11.16 -0.84
C ILE A 212 -0.39 -11.18 -1.10
N ARG A 213 0.19 -12.36 -1.26
CA ARG A 213 1.62 -12.45 -1.53
C ARG A 213 1.85 -12.38 -3.03
N THR A 214 2.82 -11.58 -3.44
CA THR A 214 3.12 -11.38 -4.85
C THR A 214 4.48 -11.94 -5.25
N PHE A 215 4.48 -12.94 -6.13
CA PHE A 215 5.71 -13.57 -6.61
C PHE A 215 6.20 -12.93 -7.92
N GLU A 216 7.50 -12.65 -7.97
CA GLU A 216 8.09 -12.03 -9.15
C GLU A 216 8.52 -13.04 -10.21
N VAL A 217 8.18 -12.74 -11.46
CA VAL A 217 8.56 -13.58 -12.61
C VAL A 217 9.13 -12.68 -13.70
N ALA A 218 9.60 -13.27 -14.79
CA ALA A 218 10.17 -12.49 -15.90
C ALA A 218 9.05 -11.79 -16.65
N ALA A 219 9.38 -10.79 -17.47
CA ALA A 219 8.38 -10.07 -18.24
C ALA A 219 7.55 -11.07 -19.06
N THR A 220 6.23 -10.97 -18.92
CA THR A 220 5.31 -11.87 -19.62
C THR A 220 5.06 -11.42 -21.05
N GLY A 221 4.47 -12.31 -21.85
CA GLY A 221 4.17 -11.99 -23.23
C GLY A 221 3.01 -11.03 -23.31
N PRO A 222 2.80 -10.38 -24.47
CA PRO A 222 1.70 -9.42 -24.64
C PRO A 222 0.30 -10.06 -24.60
N GLY A 223 -0.64 -9.37 -23.97
CA GLY A 223 -2.00 -9.86 -23.88
C GLY A 223 -2.78 -9.52 -25.13
N VAL A 224 -4.10 -9.71 -25.10
CA VAL A 224 -4.92 -9.40 -26.27
C VAL A 224 -6.12 -8.53 -25.95
N ASP A 225 -6.05 -7.26 -26.36
CA ASP A 225 -7.11 -6.29 -26.16
C ASP A 225 -7.22 -5.42 -27.39
N THR A 226 -6.08 -5.15 -28.02
CA THR A 226 -6.00 -4.34 -29.23
C THR A 226 -5.52 -5.20 -30.40
N PRO A 227 -6.07 -4.99 -31.61
CA PRO A 227 -5.71 -5.73 -32.82
C PRO A 227 -4.25 -5.48 -33.25
N ALA A 228 -3.60 -4.52 -32.61
CA ALA A 228 -2.21 -4.21 -32.88
C ALA A 228 -1.35 -5.24 -32.14
N CYS A 229 -1.78 -5.59 -30.93
CA CYS A 229 -1.10 -6.58 -30.08
C CYS A 229 -1.43 -8.00 -30.53
N LEU A 230 -2.63 -8.17 -31.10
CA LEU A 230 -3.10 -9.45 -31.60
C LEU A 230 -2.20 -10.00 -32.70
N GLU A 231 -1.75 -9.11 -33.59
CA GLU A 231 -0.88 -9.50 -34.70
C GLU A 231 0.51 -9.89 -34.18
N LYS A 232 0.94 -9.25 -33.09
CA LYS A 232 2.23 -9.55 -32.49
C LYS A 232 2.18 -10.91 -31.80
N VAL A 233 1.03 -11.23 -31.20
CA VAL A 233 0.84 -12.51 -30.53
C VAL A 233 0.84 -13.62 -31.58
N ARG A 234 0.12 -13.40 -32.69
CA ARG A 234 0.05 -14.37 -33.78
C ARG A 234 1.43 -14.67 -34.36
N ALA A 235 2.20 -13.62 -34.61
CA ALA A 235 3.54 -13.76 -35.16
C ALA A 235 4.50 -14.36 -34.13
N LEU A 236 4.28 -14.00 -32.86
CA LEU A 236 5.09 -14.48 -31.75
C LEU A 236 4.78 -15.94 -31.45
N MET A 237 3.51 -16.31 -31.64
CA MET A 237 3.05 -17.68 -31.41
C MET A 237 3.56 -18.58 -32.54
N ALA A 238 3.51 -18.08 -33.76
CA ALA A 238 3.98 -18.82 -34.94
C ALA A 238 5.49 -18.99 -34.90
N GLN A 239 6.20 -17.95 -34.45
CA GLN A 239 7.65 -17.96 -34.34
C GLN A 239 8.05 -19.03 -33.32
N GLU A 240 7.16 -19.27 -32.36
CA GLU A 240 7.38 -20.24 -31.30
C GLU A 240 7.26 -21.69 -31.79
N LEU A 241 6.30 -21.94 -32.70
CA LEU A 241 6.09 -23.27 -33.24
C LEU A 241 7.28 -23.74 -34.09
N ALA A 242 7.87 -22.82 -34.83
CA ALA A 242 9.02 -23.10 -35.69
C ALA A 242 10.31 -23.32 -34.91
N GLU A 243 10.42 -22.66 -33.76
CA GLU A 243 11.59 -22.75 -32.89
C GLU A 243 11.66 -24.13 -32.21
N ASN A 244 10.49 -24.66 -31.87
CA ASN A 244 10.40 -25.97 -31.23
C ASN A 244 10.08 -27.03 -32.29
N ALA A 245 10.98 -27.17 -33.26
CA ALA A 245 10.83 -28.13 -34.34
C ALA A 245 11.71 -29.37 -34.18
N SER B 1 1.12 1.26 32.27
CA SER B 1 1.34 1.77 30.90
C SER B 1 1.80 3.23 30.97
N LYS B 2 3.11 3.41 31.10
CA LYS B 2 3.71 4.75 31.18
C LYS B 2 3.99 5.31 29.78
N ALA B 3 3.48 6.51 29.53
CA ALA B 3 3.66 7.18 28.25
C ALA B 3 4.40 8.50 28.46
N VAL B 4 5.34 8.81 27.57
CA VAL B 4 6.10 10.06 27.64
C VAL B 4 6.09 10.73 26.27
N ILE B 5 6.18 12.05 26.26
CA ILE B 5 6.22 12.81 25.01
C ILE B 5 7.64 13.33 24.80
N VAL B 6 8.17 13.11 23.60
CA VAL B 6 9.51 13.55 23.26
C VAL B 6 9.36 14.49 22.08
N ILE B 7 9.97 15.67 22.19
CA ILE B 7 9.91 16.68 21.14
C ILE B 7 11.31 16.90 20.57
N PRO B 8 11.61 16.31 19.40
CA PRO B 8 12.93 16.48 18.79
C PRO B 8 13.01 17.92 18.27
N ALA B 9 14.09 18.61 18.65
CA ALA B 9 14.27 20.01 18.25
C ALA B 9 15.74 20.37 18.07
N ARG B 10 16.29 20.07 16.91
CA ARG B 10 17.68 20.41 16.62
C ARG B 10 17.72 21.91 16.34
N TYR B 11 18.87 22.53 16.58
CA TYR B 11 19.03 23.97 16.34
C TYR B 11 19.00 24.35 14.85
N GLY B 12 19.73 23.58 14.04
CA GLY B 12 19.81 23.88 12.62
C GLY B 12 18.61 23.72 11.74
N SER B 13 18.66 24.40 10.60
CA SER B 13 17.62 24.38 9.59
C SER B 13 18.15 25.17 8.39
N SER B 14 18.00 24.61 7.19
CA SER B 14 18.50 25.28 5.99
C SER B 14 17.86 26.64 5.71
N ARG B 15 16.57 26.75 6.01
CA ARG B 15 15.83 28.00 5.77
C ARG B 15 15.60 28.88 6.99
N LEU B 16 15.66 28.29 8.18
CA LEU B 16 15.44 29.04 9.42
C LEU B 16 16.38 28.62 10.53
N PRO B 17 17.67 29.01 10.45
CA PRO B 17 18.66 28.66 11.49
C PRO B 17 18.15 29.01 12.88
N GLY B 18 18.36 28.10 13.84
CA GLY B 18 17.90 28.33 15.21
C GLY B 18 16.38 28.37 15.31
N LYS B 19 15.73 27.57 14.48
CA LYS B 19 14.26 27.49 14.42
C LYS B 19 13.47 27.35 15.72
N PRO B 20 13.85 26.39 16.60
CA PRO B 20 13.10 26.23 17.85
C PRO B 20 13.06 27.46 18.76
N LEU B 21 13.97 28.40 18.53
CA LEU B 21 14.04 29.62 19.34
C LEU B 21 13.37 30.84 18.71
N LEU B 22 12.78 30.68 17.54
CA LEU B 22 12.10 31.79 16.89
C LEU B 22 10.90 32.26 17.71
N ASP B 23 10.81 33.56 17.90
CA ASP B 23 9.74 34.14 18.68
C ASP B 23 8.39 34.14 17.98
N ILE B 24 7.38 33.63 18.67
CA ILE B 24 6.01 33.61 18.17
C ILE B 24 5.18 34.20 19.31
N VAL B 25 4.68 35.42 19.08
CA VAL B 25 3.89 36.18 20.04
C VAL B 25 4.41 36.18 21.48
N GLY B 26 5.71 36.42 21.65
CA GLY B 26 6.29 36.49 22.97
C GLY B 26 7.05 35.29 23.52
N LYS B 27 6.90 34.13 22.89
CA LYS B 27 7.57 32.93 23.35
C LYS B 27 8.26 32.20 22.22
N PRO B 28 9.40 31.55 22.50
CA PRO B 28 10.09 30.83 21.43
C PRO B 28 9.17 29.67 20.99
N MET B 29 9.24 29.29 19.73
CA MET B 29 8.40 28.23 19.18
C MET B 29 8.38 26.94 20.02
N ILE B 30 9.54 26.54 20.52
CA ILE B 30 9.65 25.32 21.32
C ILE B 30 8.81 25.37 22.59
N GLN B 31 8.66 26.56 23.16
CA GLN B 31 7.87 26.71 24.39
C GLN B 31 6.38 26.48 24.10
N HIS B 32 5.91 26.91 22.93
CA HIS B 32 4.52 26.71 22.56
C HIS B 32 4.18 25.23 22.46
N VAL B 33 5.06 24.46 21.83
CA VAL B 33 4.87 23.03 21.67
C VAL B 33 4.91 22.34 23.02
N TYR B 34 5.89 22.70 23.84
CA TYR B 34 6.07 22.13 25.18
C TYR B 34 4.87 22.39 26.09
N GLU B 35 4.33 23.60 26.08
CA GLU B 35 3.20 23.93 26.91
C GLU B 35 1.94 23.18 26.52
N ARG B 36 1.75 22.98 25.22
CA ARG B 36 0.60 22.24 24.74
C ARG B 36 0.75 20.75 25.06
N ALA B 37 1.98 20.25 24.99
CA ALA B 37 2.26 18.85 25.31
C ALA B 37 1.91 18.58 26.77
N LEU B 38 2.10 19.58 27.63
CA LEU B 38 1.80 19.46 29.05
C LEU B 38 0.29 19.36 29.32
N GLN B 39 -0.52 19.76 28.35
CA GLN B 39 -1.97 19.72 28.50
C GLN B 39 -2.57 18.37 28.13
N VAL B 40 -1.73 17.44 27.67
CA VAL B 40 -2.16 16.10 27.27
C VAL B 40 -2.33 15.18 28.48
N ALA B 41 -3.56 14.76 28.73
CA ALA B 41 -3.85 13.88 29.85
C ALA B 41 -3.29 12.47 29.60
N GLY B 42 -2.87 11.81 30.67
CA GLY B 42 -2.34 10.46 30.56
C GLY B 42 -0.84 10.31 30.31
N VAL B 43 -0.13 11.42 30.21
CA VAL B 43 1.31 11.42 29.97
C VAL B 43 2.06 11.67 31.28
N ALA B 44 3.13 10.91 31.52
CA ALA B 44 3.91 11.06 32.75
C ALA B 44 5.01 12.13 32.68
N GLU B 45 5.63 12.28 31.51
CA GLU B 45 6.72 13.24 31.33
C GLU B 45 6.79 13.78 29.89
N VAL B 46 7.34 14.99 29.77
CA VAL B 46 7.53 15.67 28.48
C VAL B 46 8.99 16.12 28.40
N TRP B 47 9.68 15.68 27.35
CA TRP B 47 11.08 16.02 27.15
C TRP B 47 11.34 16.64 25.80
N VAL B 48 12.31 17.54 25.78
CA VAL B 48 12.73 18.18 24.55
C VAL B 48 14.10 17.55 24.33
N ALA B 49 14.26 16.92 23.17
CA ALA B 49 15.52 16.28 22.83
C ALA B 49 16.20 17.23 21.85
N THR B 50 17.37 17.74 22.22
CA THR B 50 18.07 18.69 21.38
C THR B 50 19.56 18.40 21.26
N ASP B 51 20.20 19.03 20.28
CA ASP B 51 21.63 18.87 20.01
C ASP B 51 22.46 20.10 20.38
N ASP B 52 21.77 21.20 20.71
CA ASP B 52 22.40 22.48 21.01
C ASP B 52 22.17 23.04 22.43
N PRO B 53 23.26 23.51 23.08
CA PRO B 53 23.24 24.08 24.44
C PRO B 53 22.34 25.31 24.56
N ARG B 54 22.17 26.05 23.46
CA ARG B 54 21.33 27.23 23.46
C ARG B 54 19.87 26.86 23.58
N VAL B 55 19.49 25.74 22.95
CA VAL B 55 18.12 25.27 23.01
C VAL B 55 17.85 24.70 24.40
N GLU B 56 18.81 23.95 24.92
CA GLU B 56 18.71 23.34 26.23
C GLU B 56 18.50 24.39 27.32
N GLN B 57 19.30 25.45 27.27
CA GLN B 57 19.20 26.53 28.25
C GLN B 57 17.87 27.27 28.15
N ALA B 58 17.39 27.46 26.93
CA ALA B 58 16.12 28.15 26.72
C ALA B 58 14.96 27.37 27.32
N VAL B 59 15.00 26.05 27.19
CA VAL B 59 13.96 25.18 27.73
C VAL B 59 13.98 25.22 29.25
N GLN B 60 15.16 25.06 29.84
CA GLN B 60 15.29 25.12 31.29
C GLN B 60 14.91 26.50 31.84
N ALA B 61 15.09 27.54 31.04
CA ALA B 61 14.76 28.90 31.45
C ALA B 61 13.29 29.04 31.76
N PHE B 62 12.42 28.38 30.98
CA PHE B 62 10.99 28.46 31.24
C PHE B 62 10.44 27.34 32.12
N GLY B 63 11.33 26.50 32.62
CA GLY B 63 10.91 25.42 33.50
C GLY B 63 10.75 24.04 32.90
N GLY B 64 11.03 23.89 31.60
CA GLY B 64 10.89 22.60 30.95
C GLY B 64 12.06 21.66 31.15
N LYS B 65 11.90 20.43 30.69
CA LYS B 65 12.94 19.41 30.78
C LYS B 65 13.58 19.21 29.41
N ALA B 66 14.90 19.19 29.35
CA ALA B 66 15.59 19.01 28.09
C ALA B 66 16.71 17.98 28.24
N ILE B 67 16.99 17.27 27.15
CA ILE B 67 18.04 16.28 27.16
C ILE B 67 18.89 16.42 25.92
N MET B 68 20.20 16.47 26.13
CA MET B 68 21.16 16.59 25.04
C MET B 68 21.31 15.26 24.34
N THR B 69 21.30 15.30 23.01
CA THR B 69 21.44 14.12 22.20
C THR B 69 22.54 14.38 21.17
N ARG B 70 22.97 13.34 20.46
CA ARG B 70 24.02 13.47 19.44
C ARG B 70 23.62 14.41 18.31
N ASN B 71 24.64 15.00 17.68
CA ASN B 71 24.41 15.91 16.56
C ASN B 71 24.49 15.22 15.19
N ASP B 72 24.79 13.92 15.19
CA ASP B 72 24.90 13.18 13.94
C ASP B 72 23.66 12.43 13.48
N HIS B 73 22.54 12.61 14.18
CA HIS B 73 21.29 11.97 13.82
C HIS B 73 20.75 12.61 12.54
N GLU B 74 20.19 11.79 11.65
CA GLU B 74 19.64 12.28 10.40
C GLU B 74 18.16 12.59 10.51
N SER B 75 17.51 12.02 11.52
CA SER B 75 16.08 12.24 11.72
C SER B 75 15.70 12.32 13.19
N GLY B 76 14.51 12.86 13.43
CA GLY B 76 14.00 12.96 14.79
C GLY B 76 13.71 11.58 15.35
N THR B 77 13.48 10.62 14.46
CA THR B 77 13.20 9.24 14.84
C THR B 77 14.43 8.60 15.47
N ASP B 78 15.59 8.85 14.87
CA ASP B 78 16.84 8.32 15.40
C ASP B 78 17.13 8.98 16.73
N ARG B 79 16.81 10.27 16.84
CA ARG B 79 17.04 11.02 18.07
C ARG B 79 16.18 10.42 19.18
N LEU B 80 14.98 9.98 18.83
CA LEU B 80 14.04 9.38 19.77
C LEU B 80 14.59 8.05 20.30
N VAL B 81 15.22 7.27 19.42
CA VAL B 81 15.81 6.00 19.81
C VAL B 81 16.88 6.23 20.89
N GLU B 82 17.66 7.30 20.75
CA GLU B 82 18.70 7.60 21.73
C GLU B 82 18.10 7.95 23.09
N VAL B 83 16.96 8.62 23.06
CA VAL B 83 16.26 9.04 24.28
C VAL B 83 15.61 7.85 25.01
N MET B 84 15.10 6.90 24.23
CA MET B 84 14.45 5.70 24.76
C MET B 84 15.36 4.94 25.73
N HIS B 85 16.66 4.99 25.47
CA HIS B 85 17.64 4.34 26.33
C HIS B 85 17.79 5.05 27.66
N LYS B 86 17.58 6.36 27.67
CA LYS B 86 17.72 7.15 28.88
C LYS B 86 16.42 7.32 29.66
N VAL B 87 15.32 7.47 28.92
CA VAL B 87 14.00 7.67 29.52
C VAL B 87 13.13 6.43 29.31
N GLU B 88 12.86 5.70 30.39
CA GLU B 88 12.05 4.48 30.29
C GLU B 88 10.56 4.73 30.24
N ALA B 89 9.89 4.08 29.28
CA ALA B 89 8.44 4.19 29.13
C ALA B 89 7.95 3.02 28.29
N ASP B 90 6.64 2.83 28.25
CA ASP B 90 6.07 1.75 27.47
C ASP B 90 5.67 2.31 26.10
N ILE B 91 5.21 3.55 26.10
CA ILE B 91 4.78 4.23 24.87
C ILE B 91 5.48 5.59 24.75
N TYR B 92 6.04 5.85 23.58
CA TYR B 92 6.74 7.10 23.30
C TYR B 92 5.99 7.87 22.21
N ILE B 93 5.65 9.12 22.49
CA ILE B 93 4.98 9.95 21.50
C ILE B 93 5.99 10.95 20.94
N ASN B 94 6.09 10.99 19.61
CA ASN B 94 7.01 11.87 18.92
C ASN B 94 6.27 13.07 18.34
N LEU B 95 6.53 14.25 18.91
CA LEU B 95 5.91 15.49 18.46
C LEU B 95 6.91 16.35 17.73
N GLN B 96 6.46 16.99 16.66
CA GLN B 96 7.32 17.89 15.89
C GLN B 96 7.58 19.17 16.66
N GLY B 97 8.85 19.59 16.72
CA GLY B 97 9.21 20.81 17.40
C GLY B 97 8.81 22.08 16.66
N ASP B 98 8.43 21.95 15.39
CA ASP B 98 8.05 23.09 14.56
C ASP B 98 6.57 23.20 14.22
N GLU B 99 5.74 22.55 15.01
CA GLU B 99 4.29 22.62 14.82
C GLU B 99 3.67 23.10 16.12
N PRO B 100 3.74 24.41 16.37
CA PRO B 100 3.22 25.05 17.58
C PRO B 100 1.70 25.10 17.72
N MET B 101 0.97 24.77 16.65
CA MET B 101 -0.49 24.81 16.68
C MET B 101 -1.17 23.47 16.93
N ILE B 102 -0.39 22.51 17.42
CA ILE B 102 -0.87 21.18 17.75
C ILE B 102 -2.00 21.23 18.79
N ARG B 103 -3.05 20.44 18.58
CA ARG B 103 -4.17 20.39 19.52
C ARG B 103 -3.94 19.23 20.50
N PRO B 104 -3.91 19.51 21.80
CA PRO B 104 -3.70 18.47 22.82
C PRO B 104 -4.69 17.32 22.68
N ARG B 105 -5.90 17.63 22.23
CA ARG B 105 -6.94 16.63 22.04
C ARG B 105 -6.55 15.55 21.02
N ASP B 106 -5.89 15.97 19.94
CA ASP B 106 -5.46 15.05 18.90
C ASP B 106 -4.40 14.07 19.41
N VAL B 107 -3.54 14.51 20.32
CA VAL B 107 -2.51 13.64 20.88
C VAL B 107 -3.17 12.63 21.81
N GLU B 108 -4.23 13.05 22.49
CA GLU B 108 -4.97 12.16 23.39
C GLU B 108 -5.69 11.05 22.61
N THR B 109 -6.18 11.39 21.41
CA THR B 109 -6.86 10.42 20.54
C THR B 109 -5.86 9.33 20.19
N LEU B 110 -4.65 9.76 19.87
CA LEU B 110 -3.55 8.88 19.53
C LEU B 110 -3.16 7.96 20.68
N LEU B 111 -3.04 8.53 21.87
CA LEU B 111 -2.67 7.78 23.08
C LEU B 111 -3.76 6.78 23.46
N GLN B 112 -5.02 7.19 23.33
CA GLN B 112 -6.16 6.33 23.64
C GLN B 112 -6.15 5.13 22.70
N GLY B 113 -5.84 5.37 21.44
CA GLY B 113 -5.79 4.30 20.46
C GLY B 113 -4.77 3.25 20.85
N MET B 114 -3.60 3.70 21.32
CA MET B 114 -2.54 2.78 21.72
C MET B 114 -2.94 1.97 22.95
N ARG B 115 -3.62 2.63 23.90
CA ARG B 115 -4.04 1.96 25.11
C ARG B 115 -5.21 1.00 24.90
N ASP B 116 -6.07 1.32 23.93
CA ASP B 116 -7.22 0.47 23.61
C ASP B 116 -6.82 -0.81 22.88
N ASP B 117 -5.59 -0.88 22.39
CA ASP B 117 -5.10 -2.06 21.70
C ASP B 117 -3.62 -2.29 21.99
N PRO B 118 -3.33 -3.15 22.98
CA PRO B 118 -1.98 -3.52 23.43
C PRO B 118 -1.11 -4.13 22.34
N ALA B 119 -1.74 -4.73 21.33
CA ALA B 119 -1.00 -5.36 20.23
C ALA B 119 -0.50 -4.35 19.19
N LEU B 120 -1.03 -3.13 19.23
CA LEU B 120 -0.66 -2.09 18.28
C LEU B 120 0.75 -1.53 18.49
N PRO B 121 1.66 -1.73 17.51
CA PRO B 121 3.04 -1.25 17.60
C PRO B 121 3.22 0.25 17.38
N VAL B 122 2.57 0.79 16.34
CA VAL B 122 2.69 2.20 15.99
C VAL B 122 1.35 2.80 15.60
N ALA B 123 1.15 4.06 15.95
CA ALA B 123 -0.07 4.79 15.62
C ALA B 123 0.32 6.17 15.12
N THR B 124 -0.47 6.72 14.20
CA THR B 124 -0.19 8.05 13.68
C THR B 124 -1.50 8.76 13.32
N LEU B 125 -1.42 9.99 12.81
CA LEU B 125 -2.64 10.74 12.48
C LEU B 125 -2.81 11.08 11.00
N CYS B 126 -4.02 11.50 10.64
CA CYS B 126 -4.35 11.91 9.27
C CYS B 126 -5.63 12.73 9.27
N HIS B 127 -5.86 13.46 8.18
CA HIS B 127 -7.09 14.25 8.03
C HIS B 127 -7.44 14.38 6.56
N ALA B 128 -8.72 14.58 6.28
CA ALA B 128 -9.20 14.70 4.91
C ALA B 128 -8.69 15.93 4.19
N ILE B 129 -8.35 15.77 2.92
CA ILE B 129 -7.90 16.87 2.07
C ILE B 129 -8.60 16.73 0.73
N SER B 130 -8.67 17.82 -0.03
CA SER B 130 -9.32 17.80 -1.34
C SER B 130 -8.46 17.09 -2.38
N ALA B 131 -9.04 16.79 -3.53
CA ALA B 131 -8.32 16.13 -4.63
C ALA B 131 -7.22 17.04 -5.15
N ALA B 132 -7.50 18.35 -5.16
CA ALA B 132 -6.53 19.35 -5.61
C ALA B 132 -5.30 19.32 -4.73
N GLU B 133 -5.51 19.27 -3.41
CA GLU B 133 -4.40 19.23 -2.45
C GLU B 133 -3.62 17.92 -2.55
N ALA B 134 -4.33 16.83 -2.86
CA ALA B 134 -3.70 15.51 -2.97
C ALA B 134 -2.71 15.39 -4.12
N ALA B 135 -2.85 16.26 -5.12
CA ALA B 135 -1.98 16.24 -6.29
C ALA B 135 -0.55 16.71 -6.01
N GLU B 136 -0.36 17.39 -4.88
CA GLU B 136 0.94 17.93 -4.49
C GLU B 136 1.87 16.87 -3.89
N PRO B 137 3.11 16.76 -4.41
CA PRO B 137 4.13 15.81 -3.96
C PRO B 137 4.68 16.10 -2.57
N SER B 138 4.44 17.33 -2.10
CA SER B 138 4.91 17.74 -0.77
C SER B 138 3.91 17.33 0.31
N THR B 139 2.73 16.91 -0.11
CA THR B 139 1.69 16.44 0.79
C THR B 139 1.74 14.92 0.78
N VAL B 140 1.91 14.30 1.94
CA VAL B 140 1.95 12.84 2.03
C VAL B 140 0.54 12.26 2.18
N LYS B 141 0.15 11.42 1.22
CA LYS B 141 -1.14 10.77 1.26
C LYS B 141 -1.05 9.39 1.90
N VAL B 142 -2.15 8.94 2.50
CA VAL B 142 -2.21 7.63 3.12
C VAL B 142 -3.54 6.99 2.76
N VAL B 143 -3.51 5.66 2.56
CA VAL B 143 -4.70 4.87 2.26
C VAL B 143 -4.79 3.81 3.36
N VAL B 144 -5.97 3.67 3.95
CA VAL B 144 -6.19 2.73 5.05
C VAL B 144 -7.26 1.65 4.76
N ASN B 145 -7.31 0.63 5.61
CA ASN B 145 -8.31 -0.44 5.45
C ASN B 145 -9.45 -0.20 6.47
N THR B 146 -10.38 -1.14 6.62
CA THR B 146 -11.51 -0.97 7.55
C THR B 146 -11.14 -0.79 9.01
N ARG B 147 -10.03 -1.38 9.43
CA ARG B 147 -9.56 -1.25 10.81
C ARG B 147 -8.69 0.01 10.94
N GLN B 148 -8.60 0.78 9.86
CA GLN B 148 -7.82 2.01 9.82
C GLN B 148 -6.31 1.81 9.80
N ASP B 149 -5.88 0.62 9.43
CA ASP B 149 -4.46 0.30 9.31
C ASP B 149 -4.02 0.86 7.97
N ALA B 150 -2.83 1.44 7.95
CA ALA B 150 -2.32 2.02 6.71
C ALA B 150 -1.88 0.93 5.74
N LEU B 151 -2.29 1.07 4.48
CA LEU B 151 -1.89 0.14 3.44
C LEU B 151 -0.59 0.66 2.82
N TYR B 152 -0.51 1.98 2.64
CA TYR B 152 0.69 2.58 2.07
C TYR B 152 0.67 4.11 2.23
N PHE B 153 1.86 4.71 2.23
CA PHE B 153 2.03 6.17 2.34
C PHE B 153 2.73 6.59 1.05
N SER B 154 2.27 7.65 0.41
CA SER B 154 2.91 8.08 -0.83
C SER B 154 2.74 9.56 -1.17
N ARG B 155 3.64 10.04 -2.02
CA ARG B 155 3.59 11.43 -2.49
C ARG B 155 2.71 11.44 -3.75
N SER B 156 2.44 10.25 -4.28
CA SER B 156 1.57 10.10 -5.45
C SER B 156 0.12 10.18 -4.98
N PRO B 157 -0.78 10.67 -5.84
CA PRO B 157 -2.18 10.76 -5.43
C PRO B 157 -2.79 9.36 -5.35
N ILE B 158 -2.96 8.86 -4.12
CA ILE B 158 -3.59 7.57 -3.90
C ILE B 158 -4.79 7.78 -2.98
N PRO B 159 -5.95 7.18 -3.32
CA PRO B 159 -6.16 6.34 -4.51
C PRO B 159 -6.24 7.09 -5.83
N TYR B 160 -5.81 6.42 -6.90
CA TYR B 160 -5.87 6.99 -8.24
C TYR B 160 -7.34 7.24 -8.57
N PRO B 161 -7.67 8.44 -9.08
CA PRO B 161 -9.04 8.80 -9.42
C PRO B 161 -9.60 8.30 -10.75
N ARG B 162 -9.73 6.98 -10.91
CA ARG B 162 -10.32 6.40 -12.13
C ARG B 162 -11.78 6.89 -12.16
N ASN B 163 -12.42 6.80 -10.99
CA ASN B 163 -13.78 7.27 -10.79
C ASN B 163 -13.59 8.38 -9.79
N ALA B 164 -13.35 9.57 -10.32
CA ALA B 164 -13.08 10.75 -9.51
C ALA B 164 -14.04 10.97 -8.34
N GLU B 165 -15.34 10.88 -8.60
CA GLU B 165 -16.33 11.14 -7.56
C GLU B 165 -16.32 10.14 -6.40
N LYS B 166 -15.61 9.02 -6.58
CA LYS B 166 -15.52 7.97 -5.56
C LYS B 166 -14.30 8.13 -4.66
N ALA B 167 -13.26 8.78 -5.17
CA ALA B 167 -12.03 8.99 -4.42
C ALA B 167 -12.15 9.94 -3.22
N ARG B 168 -11.56 9.53 -2.10
CA ARG B 168 -11.55 10.34 -0.89
C ARG B 168 -10.07 10.34 -0.47
N TYR B 169 -9.52 11.52 -0.15
CA TYR B 169 -8.10 11.60 0.21
C TYR B 169 -7.77 11.94 1.66
N LEU B 170 -6.67 11.37 2.15
CA LEU B 170 -6.23 11.60 3.52
C LEU B 170 -4.78 12.04 3.53
N LYS B 171 -4.51 13.08 4.31
CA LYS B 171 -3.15 13.61 4.44
C LYS B 171 -2.60 13.09 5.76
N HIS B 172 -1.37 12.62 5.72
CA HIS B 172 -0.68 12.10 6.89
C HIS B 172 -0.15 13.24 7.75
N VAL B 173 -0.45 13.19 9.05
CA VAL B 173 0.01 14.20 10.00
C VAL B 173 1.16 13.52 10.77
N GLY B 174 2.37 14.03 10.57
CA GLY B 174 3.58 13.47 11.18
C GLY B 174 3.77 13.34 12.68
N ILE B 175 2.74 12.89 13.39
CA ILE B 175 2.85 12.67 14.84
C ILE B 175 2.78 11.15 15.00
N TYR B 176 3.66 10.59 15.82
CA TYR B 176 3.69 9.15 16.03
C TYR B 176 3.71 8.73 17.49
N ALA B 177 3.23 7.51 17.74
CA ALA B 177 3.23 6.89 19.07
C ALA B 177 3.86 5.53 18.82
N TYR B 178 4.93 5.21 19.54
CA TYR B 178 5.64 3.96 19.38
C TYR B 178 5.67 3.17 20.67
N ARG B 179 5.53 1.86 20.54
CA ARG B 179 5.63 0.95 21.69
C ARG B 179 7.15 0.84 21.89
N ARG B 180 7.59 0.64 23.12
CA ARG B 180 9.03 0.55 23.40
C ARG B 180 9.79 -0.49 22.57
N ASP B 181 9.20 -1.66 22.38
CA ASP B 181 9.87 -2.73 21.64
C ASP B 181 10.19 -2.36 20.19
N VAL B 182 9.37 -1.51 19.59
CA VAL B 182 9.59 -1.08 18.22
C VAL B 182 10.88 -0.27 18.15
N LEU B 183 11.05 0.64 19.12
CA LEU B 183 12.24 1.49 19.18
C LEU B 183 13.50 0.69 19.50
N GLN B 184 13.38 -0.36 20.31
CA GLN B 184 14.53 -1.20 20.64
C GLN B 184 15.04 -1.97 19.43
N ASN B 185 14.16 -2.27 18.47
CA ASN B 185 14.53 -3.00 17.26
C ASN B 185 14.75 -2.11 16.04
N TYR B 186 14.51 -0.81 16.20
CA TYR B 186 14.63 0.13 15.09
C TYR B 186 15.95 0.16 14.33
N SER B 187 17.06 0.21 15.05
CA SER B 187 18.38 0.27 14.41
C SER B 187 18.74 -0.95 13.57
N GLN B 188 18.00 -2.04 13.73
CA GLN B 188 18.27 -3.26 12.96
C GLN B 188 17.48 -3.31 11.64
N LEU B 189 16.50 -2.42 11.51
CA LEU B 189 15.69 -2.39 10.29
C LEU B 189 16.46 -1.82 9.11
N PRO B 190 16.48 -2.56 7.99
CA PRO B 190 17.19 -2.09 6.79
C PRO B 190 16.34 -1.05 6.05
N GLU B 191 16.99 -0.13 5.36
CA GLU B 191 16.26 0.89 4.60
C GLU B 191 15.61 0.17 3.42
N SER B 192 14.45 0.65 3.00
CA SER B 192 13.76 0.01 1.90
C SER B 192 13.77 0.83 0.63
N MET B 193 13.63 0.15 -0.49
CA MET B 193 13.60 0.79 -1.79
C MET B 193 12.49 1.86 -1.83
N PRO B 194 11.26 1.51 -1.39
CA PRO B 194 10.18 2.51 -1.40
C PRO B 194 10.51 3.71 -0.51
N GLU B 195 11.17 3.45 0.62
CA GLU B 195 11.56 4.53 1.52
C GLU B 195 12.52 5.50 0.82
N GLN B 196 13.54 4.96 0.16
CA GLN B 196 14.52 5.76 -0.55
C GLN B 196 13.97 6.48 -1.77
N ALA B 197 13.02 5.86 -2.46
CA ALA B 197 12.42 6.47 -3.64
C ALA B 197 11.46 7.61 -3.30
N GLU B 198 10.58 7.37 -2.34
CA GLU B 198 9.59 8.35 -1.90
C GLU B 198 10.18 9.39 -0.96
N SER B 199 11.19 8.94 -0.20
CA SER B 199 11.88 9.73 0.81
C SER B 199 10.90 9.93 1.97
N LEU B 200 10.40 8.80 2.48
CA LEU B 200 9.46 8.72 3.60
C LEU B 200 9.98 7.64 4.57
N GLU B 201 10.49 8.09 5.71
CA GLU B 201 11.06 7.19 6.72
C GLU B 201 10.09 6.16 7.29
N GLN B 202 8.80 6.48 7.35
CA GLN B 202 7.82 5.54 7.89
C GLN B 202 7.64 4.27 7.04
N LEU B 203 8.09 4.33 5.79
CA LEU B 203 8.00 3.17 4.90
C LEU B 203 9.02 2.09 5.31
N ARG B 204 9.96 2.46 6.19
CA ARG B 204 10.95 1.49 6.68
C ARG B 204 10.24 0.51 7.62
N LEU B 205 9.23 1.01 8.33
CA LEU B 205 8.44 0.20 9.27
C LEU B 205 7.53 -0.77 8.50
N MET B 206 6.85 -0.24 7.49
CA MET B 206 5.95 -1.04 6.67
C MET B 206 6.68 -2.14 5.94
N ASN B 207 7.91 -1.87 5.52
CA ASN B 207 8.74 -2.84 4.80
C ASN B 207 9.02 -4.05 5.69
N ALA B 208 9.22 -3.80 6.99
CA ALA B 208 9.48 -4.86 7.94
C ALA B 208 8.19 -5.55 8.41
N GLY B 209 7.04 -5.10 7.92
CA GLY B 209 5.78 -5.71 8.32
C GLY B 209 5.21 -5.24 9.65
N ILE B 210 5.67 -4.08 10.11
CA ILE B 210 5.17 -3.52 11.36
C ILE B 210 3.92 -2.70 11.03
N ASN B 211 2.82 -3.01 11.72
CA ASN B 211 1.55 -2.35 11.49
C ASN B 211 1.52 -0.92 12.04
N ILE B 212 0.89 -0.03 11.29
CA ILE B 212 0.76 1.37 11.66
C ILE B 212 -0.71 1.76 11.55
N ARG B 213 -1.38 1.99 12.68
CA ARG B 213 -2.78 2.38 12.63
C ARG B 213 -2.87 3.90 12.52
N THR B 214 -3.74 4.37 11.64
CA THR B 214 -3.92 5.80 11.39
C THR B 214 -5.27 6.32 11.85
N PHE B 215 -5.27 7.23 12.83
CA PHE B 215 -6.50 7.82 13.38
C PHE B 215 -6.81 9.16 12.71
N GLU B 216 -8.08 9.34 12.32
CA GLU B 216 -8.51 10.56 11.65
C GLU B 216 -8.94 11.69 12.57
N VAL B 217 -8.42 12.88 12.30
CA VAL B 217 -8.75 14.09 13.07
C VAL B 217 -9.13 15.22 12.10
N ALA B 218 -9.51 16.37 12.63
CA ALA B 218 -9.86 17.52 11.81
C ALA B 218 -8.60 18.18 11.25
N ALA B 219 -8.75 18.96 10.17
CA ALA B 219 -7.61 19.63 9.53
C ALA B 219 -6.74 20.34 10.57
N THR B 220 -5.43 20.15 10.45
CA THR B 220 -4.45 20.73 11.37
C THR B 220 -3.81 22.04 10.91
N GLY B 221 -3.19 22.74 11.86
CA GLY B 221 -2.51 23.99 11.57
C GLY B 221 -1.20 23.75 10.83
N PRO B 222 -0.70 24.77 10.12
CA PRO B 222 0.56 24.66 9.36
C PRO B 222 1.80 24.61 10.23
N GLY B 223 2.83 23.93 9.72
CA GLY B 223 4.09 23.84 10.42
C GLY B 223 4.98 25.01 10.01
N VAL B 224 6.12 25.15 10.66
CA VAL B 224 7.03 26.26 10.37
C VAL B 224 8.35 25.78 9.77
N ASP B 225 8.43 25.82 8.44
CA ASP B 225 9.64 25.38 7.71
C ASP B 225 10.29 26.56 7.00
N THR B 226 9.44 27.40 6.40
CA THR B 226 9.88 28.55 5.65
C THR B 226 9.50 29.84 6.38
N PRO B 227 10.24 30.95 6.12
CA PRO B 227 9.91 32.23 6.78
C PRO B 227 8.52 32.73 6.42
N ALA B 228 7.95 32.18 5.36
CA ALA B 228 6.62 32.57 4.92
C ALA B 228 5.59 31.91 5.84
N CYS B 229 5.82 30.64 6.18
CA CYS B 229 4.95 29.89 7.06
C CYS B 229 5.02 30.47 8.47
N LEU B 230 6.20 30.93 8.86
CA LEU B 230 6.42 31.53 10.18
C LEU B 230 5.56 32.77 10.37
N GLU B 231 5.45 33.59 9.32
CA GLU B 231 4.65 34.80 9.38
C GLU B 231 3.16 34.48 9.44
N LYS B 232 2.77 33.38 8.82
CA LYS B 232 1.38 32.95 8.81
C LYS B 232 0.97 32.40 10.19
N VAL B 233 1.85 31.60 10.79
CA VAL B 233 1.60 31.03 12.12
C VAL B 233 1.52 32.13 13.17
N ARG B 234 2.38 33.14 13.04
CA ARG B 234 2.39 34.27 13.98
C ARG B 234 1.05 34.97 13.93
N ALA B 235 0.55 35.18 12.71
CA ALA B 235 -0.74 35.83 12.51
C ALA B 235 -1.86 34.98 13.12
N LEU B 236 -1.84 33.69 12.83
CA LEU B 236 -2.84 32.75 13.32
C LEU B 236 -2.86 32.61 14.83
N MET B 237 -1.67 32.63 15.45
CA MET B 237 -1.58 32.52 16.90
C MET B 237 -1.91 33.81 17.64
N ALA B 238 -1.85 34.93 16.91
CA ALA B 238 -2.16 36.23 17.48
C ALA B 238 -3.66 36.39 17.63
N GLN B 239 -4.40 36.08 16.56
CA GLN B 239 -5.86 36.19 16.55
C GLN B 239 -6.51 35.14 17.46
N GLU B 240 -5.75 34.09 17.76
CA GLU B 240 -6.22 33.01 18.62
C GLU B 240 -6.21 33.48 20.08
N LEU B 241 -6.06 34.79 20.28
CA LEU B 241 -6.03 35.38 21.61
C LEU B 241 -7.07 36.49 21.74
O3B CDP C . -14.39 -8.24 -19.65
PB CDP C . -12.89 -8.17 -20.25
O1B CDP C . -12.43 -9.57 -20.57
O2B CDP C . -12.91 -7.38 -21.52
O3A CDP C . -11.91 -7.45 -19.18
PA CDP C . -10.68 -8.35 -18.63
O1A CDP C . -9.86 -7.53 -17.68
O2A CDP C . -9.80 -8.81 -19.76
O5' CDP C . -11.26 -9.65 -17.90
C5' CDP C . -10.42 -10.56 -17.16
C4' CDP C . -10.90 -12.04 -17.30
O4' CDP C . -12.09 -12.30 -16.51
C3' CDP C . -11.28 -12.44 -18.75
O3' CDP C . -10.98 -13.84 -18.94
C2' CDP C . -12.79 -12.15 -18.78
O2' CDP C . -13.51 -12.83 -19.81
C1' CDP C . -13.28 -12.55 -17.35
N1 CDP C . -14.51 -11.83 -16.96
C2 CDP C . -15.63 -12.53 -16.61
O2 CDP C . -15.69 -13.76 -16.62
N3 CDP C . -16.85 -11.83 -16.24
C4 CDP C . -16.92 -10.55 -16.19
N4 CDP C . -18.01 -9.92 -15.85
C5 CDP C . -15.68 -9.80 -16.56
C6 CDP C . -14.55 -10.46 -16.92
O3B CDP D . 13.21 20.55 11.14
PB CDP D . 13.47 20.02 9.66
O1B CDP D . 13.97 21.14 8.81
O2B CDP D . 14.51 18.94 9.70
O3A CDP D . 12.10 19.42 9.04
PA CDP D . 11.63 17.99 9.64
O1A CDP D . 12.46 16.89 9.06
O2A CDP D . 10.19 17.73 9.32
O5' CDP D . 11.79 18.02 11.22
C5' CDP D . 10.69 17.73 12.08
C4' CDP D . 11.20 17.63 13.56
O4' CDP D . 12.27 16.67 13.68
C3' CDP D . 11.76 18.97 14.08
O3' CDP D . 11.29 19.13 15.44
C2' CDP D . 13.27 18.77 14.00
O2' CDP D . 14.02 19.55 14.93
C1' CDP D . 13.46 17.27 14.26
N1 CDP D . 14.73 16.80 13.69
C2 CDP D . 15.72 16.37 14.50
O2 CDP D . 15.64 16.35 15.73
N3 CDP D . 16.97 15.90 13.94
C4 CDP D . 17.18 15.87 12.68
N4 CDP D . 18.30 15.44 12.16
C5 CDP D . 16.07 16.34 11.80
C6 CDP D . 14.91 16.77 12.34
#